data_1BSU
#
_entry.id   1BSU
#
_cell.length_a   50.300
_cell.length_b   64.000
_cell.length_c   49.100
_cell.angle_alpha   109.10
_cell.angle_beta   108.10
_cell.angle_gamma   96.50
#
_symmetry.space_group_name_H-M   'P 1'
#
loop_
_entity.id
_entity.type
_entity.pdbx_description
1 polymer "DNA (5'-D(P*AP*AP*GP*AP*(5CM)P*IP*TP*CP*TP*T)-3')"
2 polymer "DNA (5'-D(*AP*AP*AP*GP*AP*(5CM)P*IP*TP*CP*TP*T)-3')"
3 polymer 'ENDONUCLEASE ECORV (3.1.21.4)'
4 non-polymer 'CALCIUM ION'
5 water water
#
loop_
_entity_poly.entity_id
_entity_poly.type
_entity_poly.pdbx_seq_one_letter_code
_entity_poly.pdbx_strand_id
1 'polydeoxyribonucleotide' (DA)(DA)(DG)(DA)(5CM)(DI)(DT)(DC)(DT)(DT) C
2 'polydeoxyribonucleotide' (DA)(DA)(DA)(DG)(DA)(5CM)(DI)(DT)(DC)(DT)(DT) D
3 'polypeptide(L)'
;SLRSDLINALYDENQKYDVCGIISAEGKIYPLGSDTKVLSTIFELFSRPIINKIAEKHGYIVEEPKQQNHYPDFTLYKPS
EPNKKIAIDIKTTYTNKENEKIKFTLGGYTSFIRNNTKNIVYPFDQYIAHWIIGYVYTRVATRKSSLKTYNINELNEIPK
PYKGVKVFLQDKWVIAGDLAGSGNTTNIGSIHAHYKDFVEGKGIFDSEDEFLDYWRNYERTSQLRNDKYNNISEYRNWIY
RGRK
;
A,B
#
# COMPACT_ATOMS: atom_id res chain seq x y z
N SER C 1 18.46 10.72 25.04
CA SER C 1 17.80 9.42 25.02
C SER C 1 17.69 8.84 23.61
N LEU C 2 17.09 7.65 23.52
CA LEU C 2 16.85 6.97 22.24
C LEU C 2 15.87 7.88 21.53
N ARG C 3 14.80 8.22 22.21
CA ARG C 3 13.80 9.10 21.64
C ARG C 3 14.38 10.40 21.10
N SER C 4 15.28 11.03 21.84
CA SER C 4 15.86 12.27 21.36
C SER C 4 16.82 12.09 20.17
N ASP C 5 17.65 11.04 20.24
CA ASP C 5 18.60 10.72 19.20
C ASP C 5 17.91 10.35 17.89
N LEU C 6 16.94 9.45 18.00
CA LEU C 6 16.15 9.00 16.86
C LEU C 6 15.57 10.19 16.11
N ILE C 7 14.92 11.08 16.85
CA ILE C 7 14.31 12.28 16.25
C ILE C 7 15.39 13.11 15.56
N ASN C 8 16.52 13.28 16.25
CA ASN C 8 17.60 14.04 15.68
C ASN C 8 18.14 13.37 14.41
N ALA C 9 18.37 12.07 14.46
CA ALA C 9 18.89 11.35 13.32
C ALA C 9 17.91 11.40 12.13
N LEU C 10 16.61 11.28 12.41
CA LEU C 10 15.57 11.31 11.37
C LEU C 10 15.47 12.68 10.73
N TYR C 11 15.40 13.71 11.57
CA TYR C 11 15.29 15.09 11.11
C TYR C 11 16.54 15.45 10.31
N ASP C 12 17.65 14.85 10.70
CA ASP C 12 18.93 15.08 10.08
C ASP C 12 18.98 14.52 8.67
N GLU C 13 18.90 13.21 8.53
CA GLU C 13 18.93 12.57 7.22
C GLU C 13 17.90 13.15 6.24
N ASN C 14 16.73 13.44 6.78
CA ASN C 14 15.67 13.98 5.95
C ASN C 14 16.13 15.24 5.21
N GLN C 15 16.86 16.11 5.89
CA GLN C 15 17.31 17.32 5.23
C GLN C 15 18.54 17.08 4.34
N LYS C 16 19.39 16.14 4.72
CA LYS C 16 20.60 15.88 3.97
C LYS C 16 20.42 15.04 2.70
N TYR C 17 19.27 14.37 2.59
CA TYR C 17 19.01 13.48 1.47
C TYR C 17 17.64 13.59 0.83
N ASP C 18 17.60 13.41 -0.48
CA ASP C 18 16.37 13.45 -1.23
C ASP C 18 16.37 12.20 -2.10
N VAL C 19 15.51 11.23 -1.77
CA VAL C 19 15.41 9.98 -2.55
C VAL C 19 14.89 10.34 -3.95
N CYS C 20 15.48 9.78 -4.99
CA CYS C 20 15.06 10.15 -6.34
C CYS C 20 14.66 9.03 -7.30
N GLY C 21 14.84 7.77 -6.92
CA GLY C 21 14.45 6.72 -7.81
C GLY C 21 14.85 5.38 -7.25
N ILE C 22 14.58 4.31 -7.98
CA ILE C 22 14.97 2.96 -7.56
C ILE C 22 16.13 2.61 -8.51
N ILE C 23 17.04 1.75 -8.13
CA ILE C 23 18.16 1.52 -9.03
C ILE C 23 18.40 0.05 -9.21
N SER C 24 18.87 -0.32 -10.41
CA SER C 24 19.17 -1.71 -10.72
C SER C 24 20.66 -1.95 -10.51
N ALA C 25 21.05 -3.15 -10.12
CA ALA C 25 22.46 -3.46 -9.93
C ALA C 25 23.25 -3.19 -11.21
N GLU C 26 22.52 -3.12 -12.33
CA GLU C 26 23.08 -2.84 -13.65
C GLU C 26 23.09 -1.31 -13.88
N GLY C 27 22.99 -0.55 -12.81
CA GLY C 27 23.04 0.88 -12.89
C GLY C 27 21.93 1.72 -13.48
N LYS C 28 20.81 1.11 -13.89
CA LYS C 28 19.69 1.89 -14.46
C LYS C 28 18.80 2.41 -13.33
N ILE C 29 18.35 3.65 -13.46
CA ILE C 29 17.51 4.28 -12.44
C ILE C 29 16.11 4.58 -12.95
N TYR C 30 15.11 4.28 -12.12
CA TYR C 30 13.73 4.53 -12.50
C TYR C 30 13.14 5.56 -11.52
N PRO C 31 12.42 6.58 -12.04
CA PRO C 31 11.82 7.62 -11.20
C PRO C 31 10.69 7.13 -10.32
N LEU C 32 10.29 7.97 -9.37
CA LEU C 32 9.23 7.61 -8.43
C LEU C 32 7.93 8.28 -8.81
N GLY C 33 6.83 7.75 -8.28
CA GLY C 33 5.51 8.32 -8.53
C GLY C 33 5.11 9.16 -7.34
N SER C 34 4.25 10.15 -7.56
CA SER C 34 3.83 11.04 -6.48
C SER C 34 2.55 10.65 -5.77
N ASP C 35 2.48 9.42 -5.30
CA ASP C 35 1.31 8.95 -4.58
C ASP C 35 1.81 8.35 -3.27
N THR C 36 0.93 8.29 -2.28
CA THR C 36 1.34 7.80 -0.99
C THR C 36 1.66 6.31 -1.00
N LYS C 37 0.96 5.53 -1.84
CA LYS C 37 1.27 4.10 -1.87
C LYS C 37 2.74 4.01 -2.21
N VAL C 38 3.23 4.94 -3.04
CA VAL C 38 4.63 4.96 -3.41
C VAL C 38 5.49 5.58 -2.31
N LEU C 39 5.13 6.76 -1.84
CA LEU C 39 5.92 7.42 -0.80
C LEU C 39 6.02 6.70 0.55
N SER C 40 4.93 6.08 1.03
CA SER C 40 4.97 5.37 2.30
C SER C 40 6.01 4.27 2.23
N THR C 41 6.10 3.63 1.07
CA THR C 41 7.06 2.56 0.86
C THR C 41 8.48 3.09 0.95
N ILE C 42 8.72 4.21 0.27
CA ILE C 42 10.03 4.88 0.21
C ILE C 42 10.50 5.30 1.60
N PHE C 43 9.64 6.00 2.31
CA PHE C 43 9.92 6.50 3.63
C PHE C 43 10.25 5.45 4.66
N GLU C 44 9.67 4.26 4.56
CA GLU C 44 9.99 3.22 5.53
C GLU C 44 11.31 2.55 5.16
N LEU C 45 11.66 2.56 3.88
CA LEU C 45 12.92 1.99 3.44
C LEU C 45 14.05 2.93 3.87
N PHE C 46 13.78 4.23 3.74
CA PHE C 46 14.64 5.35 4.08
C PHE C 46 14.86 5.52 5.60
N SER C 47 13.98 4.91 6.40
CA SER C 47 14.06 4.98 7.86
C SER C 47 14.72 3.75 8.49
N ARG C 48 14.62 2.59 7.86
CA ARG C 48 15.19 1.39 8.44
C ARG C 48 16.64 1.56 8.94
N PRO C 49 17.56 2.07 8.07
CA PRO C 49 18.97 2.25 8.48
C PRO C 49 19.17 3.18 9.69
N ILE C 50 18.45 4.30 9.71
CA ILE C 50 18.50 5.30 10.79
C ILE C 50 18.04 4.71 12.12
N ILE C 51 16.88 4.05 12.12
CA ILE C 51 16.33 3.41 13.31
C ILE C 51 17.31 2.33 13.76
N ASN C 52 17.85 1.57 12.82
CA ASN C 52 18.79 0.52 13.19
C ASN C 52 20.13 1.06 13.75
N LYS C 53 20.64 2.16 13.18
CA LYS C 53 21.91 2.74 13.67
C LYS C 53 21.68 3.23 15.10
N ILE C 54 20.73 4.14 15.26
CA ILE C 54 20.40 4.70 16.54
C ILE C 54 20.03 3.62 17.57
N ALA C 55 19.42 2.53 17.12
CA ALA C 55 19.02 1.48 18.04
C ALA C 55 20.24 0.75 18.58
N GLU C 56 21.13 0.34 17.68
CA GLU C 56 22.34 -0.38 18.08
C GLU C 56 23.10 0.49 19.08
N LYS C 57 23.17 1.78 18.76
CA LYS C 57 23.85 2.75 19.61
C LYS C 57 23.37 2.64 21.07
N HIS C 58 22.12 2.29 21.31
CA HIS C 58 21.60 2.19 22.67
C HIS C 58 21.41 0.77 23.16
N GLY C 59 22.12 -0.18 22.55
CA GLY C 59 22.01 -1.57 22.97
C GLY C 59 20.70 -2.28 22.67
N TYR C 60 19.83 -1.64 21.89
CA TYR C 60 18.55 -2.24 21.53
C TYR C 60 18.65 -3.16 20.32
N ILE C 61 17.87 -4.24 20.35
CA ILE C 61 17.79 -5.19 19.24
C ILE C 61 16.60 -4.67 18.42
N VAL C 62 16.59 -4.96 17.13
CA VAL C 62 15.49 -4.53 16.27
C VAL C 62 14.90 -5.71 15.50
N GLU C 63 13.58 -5.82 15.50
CA GLU C 63 12.88 -6.87 14.77
C GLU C 63 11.76 -6.30 13.94
N GLU C 64 11.62 -6.83 12.74
CA GLU C 64 10.58 -6.42 11.78
C GLU C 64 9.57 -7.56 11.64
N PRO C 65 8.32 -7.25 11.24
CA PRO C 65 7.40 -8.39 11.13
C PRO C 65 7.85 -9.48 10.17
N LYS C 66 7.49 -10.71 10.50
CA LYS C 66 7.83 -11.84 9.66
C LYS C 66 6.63 -12.07 8.74
N GLN C 67 5.44 -11.84 9.28
CA GLN C 67 4.20 -11.97 8.52
C GLN C 67 3.87 -10.58 8.02
N GLN C 68 3.31 -10.49 6.83
CA GLN C 68 3.02 -9.20 6.21
C GLN C 68 1.92 -8.33 6.79
N ASN C 69 1.03 -8.90 7.59
CA ASN C 69 -0.03 -8.07 8.16
C ASN C 69 0.06 -8.02 9.67
N HIS C 70 1.25 -7.70 10.16
CA HIS C 70 1.48 -7.60 11.58
C HIS C 70 2.02 -6.25 11.90
N TYR C 71 1.75 -5.78 13.11
CA TYR C 71 2.27 -4.51 13.59
C TYR C 71 3.29 -4.90 14.67
N PRO C 72 4.31 -4.07 14.90
CA PRO C 72 4.57 -2.78 14.24
C PRO C 72 5.70 -2.98 13.23
N ASP C 73 6.01 -1.96 12.47
CA ASP C 73 7.12 -2.07 11.50
C ASP C 73 8.43 -2.41 12.18
N PHE C 74 8.64 -1.83 13.37
CA PHE C 74 9.86 -2.05 14.18
C PHE C 74 9.59 -2.22 15.66
N THR C 75 10.05 -3.35 16.19
CA THR C 75 9.93 -3.64 17.61
C THR C 75 11.33 -3.46 18.17
N LEU C 76 11.51 -2.60 19.17
CA LEU C 76 12.83 -2.38 19.75
C LEU C 76 12.87 -2.83 21.20
N TYR C 77 13.92 -3.55 21.57
CA TYR C 77 14.07 -4.03 22.94
C TYR C 77 15.49 -4.48 23.26
N LYS C 78 15.92 -4.27 24.50
CA LYS C 78 17.24 -4.72 24.97
C LYS C 78 16.99 -6.15 25.45
N PRO C 79 17.90 -7.07 25.16
CA PRO C 79 17.71 -8.47 25.59
C PRO C 79 17.61 -8.67 27.11
N SER C 80 17.95 -7.63 27.86
CA SER C 80 17.90 -7.66 29.32
C SER C 80 16.51 -7.30 29.85
N GLU C 81 15.73 -6.58 29.04
CA GLU C 81 14.38 -6.16 29.41
C GLU C 81 13.47 -6.39 28.19
N PRO C 82 13.10 -7.66 27.93
CA PRO C 82 12.23 -7.93 26.77
C PRO C 82 10.75 -7.65 27.06
N ASN C 83 10.44 -7.27 28.30
CA ASN C 83 9.07 -6.97 28.70
C ASN C 83 8.81 -5.47 28.73
N LYS C 84 9.70 -4.70 28.12
CA LYS C 84 9.56 -3.26 28.05
C LYS C 84 9.89 -2.85 26.61
N LYS C 85 9.32 -3.61 25.66
CA LYS C 85 9.51 -3.41 24.24
C LYS C 85 8.95 -2.09 23.74
N ILE C 86 9.55 -1.57 22.68
CA ILE C 86 9.09 -0.33 22.05
C ILE C 86 8.61 -0.67 20.64
N ALA C 87 7.49 -0.08 20.22
CA ALA C 87 6.93 -0.30 18.87
C ALA C 87 6.97 1.03 18.16
N ILE C 88 7.49 1.02 16.95
CA ILE C 88 7.61 2.22 16.15
C ILE C 88 6.90 1.90 14.83
N ASP C 89 5.98 2.75 14.40
CA ASP C 89 5.34 2.47 13.14
C ASP C 89 5.40 3.74 12.32
N ILE C 90 5.65 3.58 11.03
CA ILE C 90 5.75 4.71 10.11
C ILE C 90 4.43 5.02 9.40
N LYS C 91 3.95 6.26 9.52
CA LYS C 91 2.69 6.67 8.92
C LYS C 91 2.95 7.81 7.97
N THR C 92 2.26 7.81 6.83
CA THR C 92 2.47 8.82 5.83
C THR C 92 1.15 9.39 5.34
N THR C 93 1.20 10.67 5.00
CA THR C 93 0.08 11.39 4.43
C THR C 93 0.70 12.48 3.54
N TYR C 94 -0.12 13.18 2.79
CA TYR C 94 0.40 14.18 1.89
C TYR C 94 -0.40 15.42 2.10
N THR C 95 0.10 16.52 1.54
CA THR C 95 -0.56 17.80 1.62
C THR C 95 -0.33 18.46 0.25
N ASN C 96 -1.27 19.29 -0.19
CA ASN C 96 -1.14 19.96 -1.49
C ASN C 96 -0.51 21.32 -1.40
N LYS C 97 -0.38 21.84 -0.19
CA LYS C 97 0.23 23.14 0.03
C LYS C 97 0.68 23.13 1.46
N GLU C 98 1.95 23.48 1.67
CA GLU C 98 2.53 23.50 2.99
C GLU C 98 1.68 24.38 3.90
N ASN C 99 1.51 23.94 5.15
CA ASN C 99 0.75 24.64 6.20
C ASN C 99 -0.71 24.21 6.41
N GLU C 100 -1.29 23.44 5.50
CA GLU C 100 -2.67 22.99 5.68
C GLU C 100 -2.80 21.90 6.76
N LYS C 101 -4.02 21.70 7.26
CA LYS C 101 -4.27 20.67 8.28
C LYS C 101 -4.10 19.31 7.63
N ILE C 102 -3.57 18.37 8.39
CA ILE C 102 -3.33 17.03 7.89
C ILE C 102 -3.89 16.06 8.90
N LYS C 103 -4.04 14.80 8.50
CA LYS C 103 -4.52 13.74 9.37
C LYS C 103 -3.95 12.42 8.89
N PHE C 104 -3.72 11.50 9.80
CA PHE C 104 -3.17 10.20 9.49
C PHE C 104 -4.16 9.14 9.93
N THR C 105 -3.99 7.92 9.44
CA THR C 105 -4.83 6.81 9.83
C THR C 105 -3.80 6.17 10.75
N LEU C 106 -4.22 5.68 11.90
CA LEU C 106 -3.25 5.19 12.86
C LEU C 106 -3.30 3.73 13.20
N GLY C 107 -3.90 2.90 12.36
CA GLY C 107 -3.94 1.49 12.69
C GLY C 107 -5.31 1.03 13.12
N GLY C 108 -5.48 -0.29 13.14
CA GLY C 108 -6.75 -0.87 13.49
C GLY C 108 -7.14 -0.66 14.93
N TYR C 109 -8.46 -0.69 15.19
CA TYR C 109 -8.96 -0.56 16.55
C TYR C 109 -9.69 -1.80 17.00
N THR C 110 -9.57 -2.86 16.21
CA THR C 110 -10.24 -4.14 16.51
C THR C 110 -9.23 -5.28 16.56
N SER C 111 -7.96 -4.98 16.36
CA SER C 111 -6.95 -6.03 16.36
C SER C 111 -6.18 -6.07 17.70
N PHE C 112 -4.87 -5.83 17.69
CA PHE C 112 -4.02 -5.89 18.90
C PHE C 112 -4.48 -5.11 20.14
N ILE C 113 -5.22 -4.02 19.94
CA ILE C 113 -5.67 -3.26 21.10
C ILE C 113 -6.87 -3.95 21.76
N ARG C 114 -7.57 -4.80 21.02
CA ARG C 114 -8.73 -5.50 21.58
C ARG C 114 -8.41 -6.94 21.87
N ASN C 115 -7.42 -7.48 21.17
CA ASN C 115 -7.01 -8.86 21.37
C ASN C 115 -5.50 -8.92 21.45
N ASN C 116 -5.00 -9.05 22.67
CA ASN C 116 -3.58 -9.08 23.00
C ASN C 116 -2.58 -9.69 22.01
N THR C 117 -3.06 -10.50 21.07
CA THR C 117 -2.14 -11.09 20.13
C THR C 117 -2.62 -11.11 18.70
N LYS C 118 -3.68 -10.38 18.39
CA LYS C 118 -4.13 -10.36 17.02
C LYS C 118 -3.32 -9.35 16.25
N ASN C 119 -2.62 -9.86 15.21
CA ASN C 119 -1.79 -9.09 14.26
C ASN C 119 -0.66 -8.21 14.80
N ILE C 120 0.08 -8.75 15.76
CA ILE C 120 1.15 -7.97 16.35
C ILE C 120 2.27 -8.98 16.50
N VAL C 121 3.51 -8.50 16.40
CA VAL C 121 4.66 -9.39 16.49
C VAL C 121 4.81 -10.01 17.89
N TYR C 122 4.55 -9.21 18.92
CA TYR C 122 4.60 -9.68 20.28
C TYR C 122 3.30 -9.25 20.93
N PRO C 123 2.84 -9.98 21.96
CA PRO C 123 1.59 -9.63 22.65
C PRO C 123 1.56 -8.16 23.04
N PHE C 124 0.41 -7.53 22.88
CA PHE C 124 0.26 -6.12 23.15
C PHE C 124 0.81 -5.63 24.49
N ASP C 125 0.79 -6.50 25.49
CA ASP C 125 1.24 -6.16 26.84
C ASP C 125 2.75 -6.06 27.06
N GLN C 126 3.55 -6.60 26.16
CA GLN C 126 5.00 -6.53 26.29
C GLN C 126 5.53 -5.23 25.72
N TYR C 127 4.65 -4.34 25.27
CA TYR C 127 5.06 -3.05 24.69
C TYR C 127 4.74 -1.96 25.67
N ILE C 128 5.75 -1.14 25.96
CA ILE C 128 5.62 -0.04 26.91
C ILE C 128 5.36 1.30 26.23
N ALA C 129 5.66 1.38 24.93
CA ALA C 129 5.43 2.61 24.17
C ALA C 129 5.15 2.29 22.70
N HIS C 130 4.32 3.13 22.09
CA HIS C 130 3.97 2.96 20.71
C HIS C 130 4.22 4.31 20.08
N TRP C 131 5.31 4.38 19.32
CA TRP C 131 5.69 5.61 18.65
C TRP C 131 5.30 5.57 17.17
N ILE C 132 4.99 6.77 16.68
CA ILE C 132 4.58 7.00 15.32
C ILE C 132 5.57 7.95 14.65
N ILE C 133 6.26 7.50 13.61
CA ILE C 133 7.14 8.38 12.84
C ILE C 133 6.23 8.79 11.68
N GLY C 134 5.70 10.00 11.73
CA GLY C 134 4.82 10.47 10.68
C GLY C 134 5.58 11.31 9.65
N TYR C 135 5.34 11.06 8.36
CA TYR C 135 6.01 11.80 7.30
C TYR C 135 4.95 12.56 6.55
N VAL C 136 5.21 13.81 6.20
CA VAL C 136 4.20 14.58 5.49
C VAL C 136 4.95 15.14 4.31
N TYR C 137 4.46 14.89 3.10
CA TYR C 137 5.13 15.38 1.91
C TYR C 137 4.14 16.24 1.11
N THR C 138 4.65 17.29 0.48
CA THR C 138 3.80 18.15 -0.34
C THR C 138 3.86 17.62 -1.76
N ARG C 139 2.72 17.14 -2.25
CA ARG C 139 2.63 16.55 -3.58
C ARG C 139 2.96 17.52 -4.71
N VAL C 140 3.67 17.01 -5.71
CA VAL C 140 4.08 17.79 -6.89
C VAL C 140 3.72 17.10 -8.22
N LYS C 148 10.74 8.01 -18.27
CA LYS C 148 12.09 7.61 -18.71
C LYS C 148 13.05 7.13 -17.63
N THR C 149 14.02 6.30 -18.01
CA THR C 149 15.03 5.81 -17.10
C THR C 149 16.29 6.69 -17.21
N TYR C 150 17.09 6.72 -16.14
CA TYR C 150 18.31 7.52 -16.09
C TYR C 150 19.53 6.69 -15.72
N ASN C 151 20.71 7.25 -15.99
CA ASN C 151 21.95 6.58 -15.66
C ASN C 151 22.52 7.30 -14.43
N ILE C 152 23.36 6.61 -13.69
CA ILE C 152 23.94 7.17 -12.49
C ILE C 152 24.49 8.58 -12.64
N ASN C 153 25.10 8.87 -13.78
CA ASN C 153 25.65 10.21 -14.01
C ASN C 153 24.60 11.31 -14.17
N GLU C 154 23.33 10.97 -13.95
CA GLU C 154 22.24 11.93 -14.09
C GLU C 154 21.41 12.12 -12.83
N LEU C 155 21.84 11.50 -11.74
CA LEU C 155 21.13 11.56 -10.46
C LEU C 155 20.64 12.96 -10.12
N ASN C 156 21.45 13.93 -10.45
CA ASN C 156 21.18 15.32 -10.13
C ASN C 156 20.05 15.94 -10.94
N GLU C 157 19.60 15.24 -11.97
CA GLU C 157 18.55 15.73 -12.87
C GLU C 157 17.14 15.10 -12.81
N ILE C 158 17.04 13.90 -12.25
CA ILE C 158 15.76 13.19 -12.12
C ILE C 158 14.79 14.04 -11.27
N PRO C 159 13.57 14.29 -11.78
CA PRO C 159 12.67 15.09 -10.94
C PRO C 159 12.10 14.30 -9.76
N LYS C 160 12.11 14.93 -8.58
CA LYS C 160 11.59 14.32 -7.36
C LYS C 160 10.07 14.48 -7.38
N PRO C 161 9.33 13.52 -6.81
CA PRO C 161 7.85 13.57 -6.79
C PRO C 161 7.17 14.27 -5.59
N TYR C 162 7.88 15.17 -4.93
CA TYR C 162 7.37 15.91 -3.77
C TYR C 162 8.21 17.18 -3.60
N LYS C 163 7.63 18.25 -3.06
CA LYS C 163 8.37 19.49 -2.86
C LYS C 163 8.94 19.59 -1.44
N GLY C 164 8.20 19.08 -0.46
CA GLY C 164 8.70 19.14 0.90
C GLY C 164 8.36 17.88 1.65
N VAL C 165 9.15 17.58 2.69
CA VAL C 165 8.95 16.40 3.52
C VAL C 165 9.26 16.78 4.95
N LYS C 166 8.28 16.63 5.83
CA LYS C 166 8.43 16.91 7.26
C LYS C 166 8.28 15.58 7.95
N VAL C 167 8.96 15.41 9.06
CA VAL C 167 8.88 14.17 9.83
C VAL C 167 8.77 14.52 11.31
N PHE C 168 8.10 13.66 12.08
CA PHE C 168 7.97 13.88 13.51
C PHE C 168 7.93 12.52 14.14
N LEU C 169 8.18 12.47 15.44
CA LEU C 169 8.08 11.24 16.21
C LEU C 169 7.20 11.63 17.39
N GLN C 170 6.18 10.84 17.67
CA GLN C 170 5.24 11.15 18.73
C GLN C 170 4.55 9.85 19.18
N ASP C 171 3.97 9.85 20.37
CA ASP C 171 3.28 8.67 20.88
C ASP C 171 1.91 8.57 20.19
N LYS C 172 1.53 7.34 19.86
CA LYS C 172 0.26 7.06 19.20
C LYS C 172 -0.92 7.68 19.95
N TRP C 173 -1.03 7.42 21.27
CA TRP C 173 -2.15 7.96 22.05
C TRP C 173 -2.23 9.47 22.06
N VAL C 174 -1.08 10.13 21.93
CA VAL C 174 -1.02 11.58 21.98
C VAL C 174 -1.61 12.25 20.75
N ILE C 175 -1.44 11.62 19.58
CA ILE C 175 -1.94 12.17 18.31
C ILE C 175 -3.24 11.51 17.82
N ALA C 176 -3.69 10.49 18.55
CA ALA C 176 -4.93 9.76 18.25
C ALA C 176 -6.10 10.71 18.39
N GLY C 177 -7.05 10.62 17.46
CA GLY C 177 -8.22 11.47 17.50
C GLY C 177 -9.36 10.61 18.03
N ASP C 178 -10.59 11.09 17.90
CA ASP C 178 -11.76 10.37 18.37
C ASP C 178 -12.72 9.91 17.24
N LEU C 179 -12.31 10.12 15.99
CA LEU C 179 -13.11 9.72 14.84
C LEU C 179 -12.26 8.71 14.05
N ALA C 180 -12.91 7.66 13.55
CA ALA C 180 -12.24 6.62 12.77
C ALA C 180 -11.52 7.17 11.55
N GLY C 181 -10.37 6.59 11.22
CA GLY C 181 -9.60 7.00 10.06
C GLY C 181 -10.06 6.32 8.77
N SER C 182 -10.74 5.18 8.90
CA SER C 182 -11.28 4.45 7.74
C SER C 182 -12.48 3.57 8.16
N GLY C 183 -13.42 3.38 7.23
CA GLY C 183 -14.62 2.59 7.50
C GLY C 183 -14.39 1.09 7.47
N ASN C 184 -14.42 0.51 6.27
CA ASN C 184 -14.25 -0.92 6.13
C ASN C 184 -13.01 -1.54 6.73
N THR C 185 -11.92 -0.75 6.75
CA THR C 185 -10.66 -1.23 7.31
C THR C 185 -10.43 -0.79 8.79
N THR C 186 -11.50 -0.22 9.38
CA THR C 186 -11.57 0.19 10.77
C THR C 186 -10.27 0.70 11.41
N ASN C 187 -9.80 1.84 10.94
CA ASN C 187 -8.59 2.46 11.47
C ASN C 187 -8.89 3.64 12.38
N ILE C 188 -8.00 3.86 13.35
CA ILE C 188 -8.14 5.00 14.24
C ILE C 188 -7.67 6.21 13.41
N GLY C 189 -8.37 7.34 13.53
CA GLY C 189 -7.96 8.53 12.80
C GLY C 189 -7.28 9.50 13.78
N SER C 190 -6.17 10.09 13.36
CA SER C 190 -5.39 11.03 14.19
C SER C 190 -6.18 12.32 14.36
N ILE C 191 -5.62 13.28 15.10
CA ILE C 191 -6.28 14.59 15.21
C ILE C 191 -6.16 15.22 13.81
N HIS C 192 -7.04 16.14 13.49
CA HIS C 192 -7.04 16.79 12.21
C HIS C 192 -6.46 18.14 12.60
N ALA C 193 -5.16 18.30 12.42
CA ALA C 193 -4.48 19.53 12.83
C ALA C 193 -3.28 19.89 11.98
N HIS C 194 -2.57 20.93 12.40
CA HIS C 194 -1.37 21.35 11.70
C HIS C 194 -0.21 20.52 12.21
N TYR C 195 0.82 20.41 11.39
CA TYR C 195 2.02 19.64 11.73
C TYR C 195 2.64 19.99 13.11
N LYS C 196 2.54 21.24 13.53
CA LYS C 196 3.09 21.72 14.82
C LYS C 196 2.44 21.02 15.99
N ASP C 197 1.13 20.82 15.89
CA ASP C 197 0.35 20.15 16.92
C ASP C 197 0.78 18.69 17.10
N PHE C 198 1.28 18.08 16.03
CA PHE C 198 1.74 16.70 16.06
C PHE C 198 3.10 16.61 16.77
N VAL C 199 3.96 17.58 16.48
CA VAL C 199 5.30 17.69 17.07
C VAL C 199 5.14 18.10 18.55
N GLU C 200 4.33 19.11 18.81
CA GLU C 200 4.08 19.58 20.17
C GLU C 200 3.25 18.61 21.00
N GLY C 201 2.45 17.77 20.34
CA GLY C 201 1.64 16.77 21.03
C GLY C 201 0.32 17.26 21.60
N LYS C 202 -0.29 18.21 20.91
CA LYS C 202 -1.53 18.81 21.33
C LYS C 202 -2.75 17.95 20.96
N GLY C 203 -2.92 16.83 21.68
CA GLY C 203 -4.02 15.93 21.40
C GLY C 203 -5.37 16.29 21.99
N ILE C 204 -6.19 15.26 22.19
CA ILE C 204 -7.54 15.39 22.76
C ILE C 204 -7.68 14.42 23.96
N PHE C 205 -6.86 13.34 24.00
CA PHE C 205 -6.92 12.39 25.09
C PHE C 205 -6.10 12.87 26.31
N ASP C 206 -6.45 12.44 27.52
CA ASP C 206 -5.74 12.86 28.74
C ASP C 206 -4.69 11.87 29.18
N SER C 207 -4.85 10.62 28.78
CA SER C 207 -3.92 9.59 29.17
C SER C 207 -3.99 8.49 28.14
N GLU C 208 -3.05 7.55 28.21
CA GLU C 208 -3.03 6.44 27.28
C GLU C 208 -4.16 5.49 27.63
N ASP C 209 -4.59 5.50 28.90
CA ASP C 209 -5.67 4.64 29.37
C ASP C 209 -6.99 5.08 28.80
N GLU C 210 -7.15 6.39 28.68
CA GLU C 210 -8.39 6.90 28.17
C GLU C 210 -8.47 6.60 26.66
N PHE C 211 -7.35 6.84 25.95
CA PHE C 211 -7.24 6.59 24.51
C PHE C 211 -7.62 5.14 24.29
N LEU C 212 -7.00 4.24 25.06
CA LEU C 212 -7.26 2.81 24.96
C LEU C 212 -8.71 2.42 25.27
N ASP C 213 -9.29 3.01 26.32
CA ASP C 213 -10.66 2.66 26.65
C ASP C 213 -11.65 3.20 25.60
N TYR C 214 -11.43 4.41 25.11
CA TYR C 214 -12.29 4.98 24.08
C TYR C 214 -12.31 4.08 22.81
N TRP C 215 -11.13 3.75 22.31
CA TRP C 215 -11.01 2.94 21.11
C TRP C 215 -11.42 1.46 21.23
N ARG C 216 -11.33 0.89 22.43
CA ARG C 216 -11.74 -0.48 22.67
C ARG C 216 -13.28 -0.59 22.80
N ASN C 217 -13.96 0.54 22.88
CA ASN C 217 -15.42 0.55 23.03
C ASN C 217 -16.08 1.31 21.91
N TYR C 218 -15.29 1.73 20.93
CA TYR C 218 -15.79 2.46 19.78
C TYR C 218 -16.57 1.43 18.92
N GLU C 219 -17.82 1.75 18.60
CA GLU C 219 -18.64 0.89 17.74
C GLU C 219 -18.33 1.15 16.24
N ARG C 220 -18.30 0.05 15.47
CA ARG C 220 -17.98 0.05 14.04
C ARG C 220 -18.82 0.90 13.11
N THR C 221 -20.07 1.17 13.46
CA THR C 221 -20.91 1.99 12.57
C THR C 221 -21.62 3.12 13.30
N SER C 222 -21.98 4.17 12.56
CA SER C 222 -22.68 5.29 13.12
C SER C 222 -23.97 4.89 13.81
N GLN C 223 -24.71 3.97 13.20
CA GLN C 223 -25.97 3.53 13.80
C GLN C 223 -25.68 2.97 15.18
N LEU C 224 -24.64 2.14 15.28
CA LEU C 224 -24.26 1.55 16.55
C LEU C 224 -23.75 2.61 17.57
N ARG C 225 -23.03 3.61 17.07
CA ARG C 225 -22.47 4.62 17.92
C ARG C 225 -23.48 5.66 18.38
N ASN C 226 -24.46 5.93 17.54
CA ASN C 226 -25.48 6.95 17.83
C ASN C 226 -26.13 6.75 19.19
N ASP C 227 -26.08 5.52 19.68
CA ASP C 227 -26.69 5.23 20.96
C ASP C 227 -25.66 5.13 22.12
N LYS C 228 -24.39 5.13 21.77
CA LYS C 228 -23.32 5.03 22.75
C LYS C 228 -22.57 6.39 22.76
N TYR C 229 -21.50 6.50 21.97
CA TYR C 229 -20.73 7.74 21.85
C TYR C 229 -20.05 7.85 20.47
N ASN C 230 -20.03 9.06 19.94
CA ASN C 230 -19.40 9.29 18.66
C ASN C 230 -18.22 10.24 18.69
N ASN C 231 -17.93 10.82 19.86
CA ASN C 231 -16.79 11.72 19.99
C ASN C 231 -16.38 11.76 21.46
N ILE C 232 -15.23 12.37 21.72
CA ILE C 232 -14.69 12.45 23.07
C ILE C 232 -15.68 13.00 24.09
N SER C 233 -16.41 14.06 23.75
CA SER C 233 -17.36 14.62 24.68
C SER C 233 -18.36 13.60 25.15
N GLU C 234 -19.09 13.01 24.22
CA GLU C 234 -20.12 12.01 24.52
C GLU C 234 -19.56 10.84 25.28
N TYR C 235 -18.32 10.48 24.96
CA TYR C 235 -17.64 9.38 25.64
C TYR C 235 -17.40 9.76 27.12
N ARG C 236 -17.10 11.03 27.38
CA ARG C 236 -16.86 11.46 28.76
C ARG C 236 -18.19 11.47 29.53
N ASN C 237 -19.23 11.98 28.92
CA ASN C 237 -20.53 11.93 29.58
C ASN C 237 -20.89 10.45 29.83
N TRP C 238 -20.71 9.62 28.80
CA TRP C 238 -20.99 8.18 28.87
C TRP C 238 -20.36 7.56 30.14
N ILE C 239 -19.08 7.89 30.35
CA ILE C 239 -18.28 7.45 31.48
C ILE C 239 -18.84 8.02 32.77
N TYR C 240 -19.24 9.28 32.72
CA TYR C 240 -19.80 9.94 33.88
C TYR C 240 -21.06 9.26 34.46
N ARG C 241 -21.93 8.80 33.57
CA ARG C 241 -23.19 8.18 33.93
C ARG C 241 -23.08 6.71 34.31
N GLY C 242 -21.90 6.13 34.17
CA GLY C 242 -21.75 4.74 34.53
C GLY C 242 -21.71 3.77 33.37
N ARG C 243 -21.44 4.31 32.18
CA ARG C 243 -21.34 3.53 30.93
C ARG C 243 -22.68 2.95 30.51
N SER D 1 2.19 -5.98 -32.71
CA SER D 1 1.20 -4.99 -32.29
C SER D 1 1.60 -4.34 -30.93
N LEU D 2 0.80 -3.36 -30.51
CA LEU D 2 0.98 -2.72 -29.21
C LEU D 2 1.11 -3.83 -28.18
N ARG D 3 0.09 -4.69 -28.08
CA ARG D 3 0.10 -5.78 -27.12
C ARG D 3 1.31 -6.72 -27.16
N SER D 4 1.74 -7.11 -28.35
CA SER D 4 2.86 -8.03 -28.49
C SER D 4 4.23 -7.34 -28.25
N ASP D 5 4.25 -6.05 -28.53
CA ASP D 5 5.43 -5.24 -28.34
C ASP D 5 5.64 -5.02 -26.83
N LEU D 6 4.54 -4.66 -26.17
CA LEU D 6 4.51 -4.46 -24.73
C LEU D 6 4.93 -5.76 -24.05
N ILE D 7 4.36 -6.87 -24.46
CA ILE D 7 4.73 -8.15 -23.89
C ILE D 7 6.22 -8.45 -24.10
N ASN D 8 6.74 -8.13 -25.27
CA ASN D 8 8.14 -8.41 -25.54
C ASN D 8 9.02 -7.48 -24.72
N ALA D 9 8.68 -6.20 -24.71
CA ALA D 9 9.41 -5.19 -23.93
C ALA D 9 9.45 -5.58 -22.44
N LEU D 10 8.34 -6.09 -21.93
CA LEU D 10 8.26 -6.49 -20.55
C LEU D 10 9.20 -7.61 -20.23
N TYR D 11 9.22 -8.63 -21.07
CA TYR D 11 10.12 -9.75 -20.81
C TYR D 11 11.57 -9.28 -20.94
N ASP D 12 11.82 -8.42 -21.92
CA ASP D 12 13.16 -7.90 -22.15
C ASP D 12 13.68 -7.12 -20.94
N GLU D 13 12.96 -6.11 -20.52
CA GLU D 13 13.36 -5.29 -19.39
C GLU D 13 13.77 -6.13 -18.18
N ASP D 18 17.14 -5.96 -12.71
CA ASP D 18 17.15 -6.29 -11.29
C ASP D 18 17.26 -5.07 -10.36
N VAL D 19 16.12 -4.61 -9.89
CA VAL D 19 16.06 -3.48 -8.98
C VAL D 19 16.60 -3.98 -7.64
N CYS D 20 17.48 -3.20 -7.01
CA CYS D 20 18.07 -3.61 -5.73
C CYS D 20 18.03 -2.59 -4.61
N GLY D 21 17.53 -1.38 -4.87
CA GLY D 21 17.45 -0.40 -3.79
C GLY D 21 16.97 0.94 -4.27
N ILE D 22 16.68 1.86 -3.35
CA ILE D 22 16.26 3.19 -3.75
C ILE D 22 17.48 4.07 -3.61
N ILE D 23 17.61 5.08 -4.46
CA ILE D 23 18.79 5.91 -4.41
C ILE D 23 18.42 7.36 -4.31
N SER D 24 19.20 8.09 -3.54
CA SER D 24 18.99 9.51 -3.32
C SER D 24 19.88 10.28 -4.27
N ALA D 25 19.58 11.57 -4.43
CA ALA D 25 20.36 12.42 -5.33
C ALA D 25 21.83 12.45 -4.93
N GLU D 26 22.07 12.33 -3.64
CA GLU D 26 23.38 12.35 -3.04
C GLU D 26 24.17 11.07 -3.24
N GLY D 27 23.57 10.09 -3.92
CA GLY D 27 24.29 8.84 -4.16
C GLY D 27 24.23 7.70 -3.16
N LYS D 28 23.49 7.87 -2.06
CA LYS D 28 23.35 6.79 -1.07
C LYS D 28 22.21 5.84 -1.50
N ILE D 29 22.40 4.55 -1.31
CA ILE D 29 21.41 3.56 -1.71
C ILE D 29 20.88 2.77 -0.51
N TYR D 30 19.57 2.80 -0.33
CA TYR D 30 18.94 2.06 0.77
C TYR D 30 18.36 0.74 0.22
N PRO D 31 18.64 -0.39 0.88
CA PRO D 31 18.07 -1.62 0.35
C PRO D 31 16.52 -1.75 0.42
N LEU D 32 16.00 -2.74 -0.30
CA LEU D 32 14.58 -3.01 -0.37
C LEU D 32 14.07 -3.92 0.73
N GLY D 33 12.76 -3.84 1.01
CA GLY D 33 12.12 -4.70 1.99
C GLY D 33 11.73 -5.98 1.26
N SER D 34 11.41 -7.03 2.00
CA SER D 34 11.06 -8.30 1.34
C SER D 34 9.55 -8.62 1.18
N ASP D 35 8.69 -7.65 1.47
CA ASP D 35 7.26 -7.86 1.36
C ASP D 35 6.65 -7.34 0.07
N THR D 36 5.43 -7.79 -0.23
CA THR D 36 4.71 -7.37 -1.42
C THR D 36 4.29 -5.88 -1.38
N LYS D 37 4.08 -5.32 -0.19
CA LYS D 37 3.72 -3.90 -0.11
C LYS D 37 4.85 -3.11 -0.76
N VAL D 38 6.09 -3.56 -0.50
CA VAL D 38 7.27 -2.91 -1.04
C VAL D 38 7.37 -3.20 -2.55
N LEU D 39 7.50 -4.49 -2.86
CA LEU D 39 7.66 -4.97 -4.24
C LEU D 39 6.56 -4.56 -5.20
N SER D 40 5.33 -4.53 -4.73
CA SER D 40 4.28 -4.11 -5.63
C SER D 40 4.56 -2.70 -6.14
N THR D 41 4.97 -1.77 -5.27
CA THR D 41 5.24 -0.39 -5.72
C THR D 41 6.50 -0.28 -6.58
N ILE D 42 7.47 -1.14 -6.35
CA ILE D 42 8.70 -1.15 -7.15
C ILE D 42 8.38 -1.59 -8.60
N PHE D 43 7.69 -2.73 -8.72
CA PHE D 43 7.27 -3.32 -10.00
C PHE D 43 6.46 -2.33 -10.82
N GLU D 44 5.58 -1.60 -10.14
CA GLU D 44 4.78 -0.59 -10.80
C GLU D 44 5.70 0.48 -11.38
N LEU D 45 6.68 0.95 -10.57
CA LEU D 45 7.62 1.98 -11.00
C LEU D 45 8.56 1.51 -12.10
N PHE D 46 8.96 0.26 -11.99
CA PHE D 46 9.83 -0.38 -12.95
C PHE D 46 9.11 -0.51 -14.34
N SER D 47 7.79 -0.65 -14.32
CA SER D 47 7.02 -0.79 -15.54
C SER D 47 6.66 0.48 -16.30
N ARG D 48 6.46 1.59 -15.60
CA ARG D 48 6.08 2.85 -16.24
C ARG D 48 6.96 3.22 -17.45
N PRO D 49 8.31 3.22 -17.28
CA PRO D 49 9.14 3.56 -18.45
C PRO D 49 8.79 2.72 -19.68
N ILE D 50 8.69 1.40 -19.48
CA ILE D 50 8.34 0.45 -20.54
C ILE D 50 6.99 0.74 -21.23
N ILE D 51 5.93 0.87 -20.43
CA ILE D 51 4.60 1.14 -20.96
C ILE D 51 4.65 2.39 -21.82
N ASN D 52 5.24 3.45 -21.28
CA ASN D 52 5.30 4.70 -22.00
C ASN D 52 6.14 4.72 -23.27
N LYS D 53 7.21 3.95 -23.31
CA LYS D 53 8.04 3.91 -24.49
C LYS D 53 7.22 3.25 -25.61
N ILE D 54 6.65 2.10 -25.30
CA ILE D 54 5.85 1.36 -26.26
C ILE D 54 4.61 2.10 -26.72
N ALA D 55 3.84 2.63 -25.79
CA ALA D 55 2.63 3.36 -26.20
C ALA D 55 3.07 4.43 -27.16
N GLU D 56 4.13 5.13 -26.77
CA GLU D 56 4.68 6.22 -27.55
C GLU D 56 4.91 5.81 -28.99
N LYS D 57 5.56 4.66 -29.15
CA LYS D 57 5.86 4.14 -30.47
C LYS D 57 4.60 3.82 -31.28
N HIS D 58 3.51 3.46 -30.61
CA HIS D 58 2.28 3.15 -31.34
C HIS D 58 1.28 4.27 -31.43
N GLY D 59 1.70 5.46 -31.08
CA GLY D 59 0.81 6.60 -31.20
C GLY D 59 -0.24 6.78 -30.13
N TYR D 60 -0.08 6.10 -29.00
CA TYR D 60 -1.05 6.26 -27.90
C TYR D 60 -0.53 7.20 -26.81
N ILE D 61 -1.47 7.82 -26.14
CA ILE D 61 -1.20 8.70 -25.01
C ILE D 61 -1.29 7.77 -23.80
N VAL D 62 -0.41 7.95 -22.81
CA VAL D 62 -0.50 7.13 -21.58
C VAL D 62 -0.98 8.11 -20.54
N GLU D 63 -1.79 7.64 -19.60
CA GLU D 63 -2.34 8.52 -18.59
C GLU D 63 -2.53 7.82 -17.27
N GLU D 64 -2.02 8.43 -16.21
CA GLU D 64 -2.15 7.86 -14.89
C GLU D 64 -3.28 8.60 -14.18
N PRO D 65 -3.86 8.00 -13.11
CA PRO D 65 -4.95 8.67 -12.41
C PRO D 65 -4.52 9.80 -11.50
N LYS D 66 -5.43 10.74 -11.30
CA LYS D 66 -5.15 11.87 -10.43
C LYS D 66 -5.52 11.44 -8.99
N GLN D 67 -6.77 11.00 -8.78
CA GLN D 67 -7.17 10.55 -7.46
C GLN D 67 -6.49 9.20 -7.24
N GLN D 68 -5.97 9.01 -6.04
CA GLN D 68 -5.21 7.81 -5.67
C GLN D 68 -5.93 6.48 -5.52
N ASN D 69 -7.24 6.52 -5.47
CA ASN D 69 -7.97 5.27 -5.37
C ASN D 69 -8.85 5.12 -6.63
N HIS D 70 -8.19 5.23 -7.78
CA HIS D 70 -8.83 5.11 -9.08
C HIS D 70 -8.17 4.01 -9.91
N TYR D 71 -8.99 3.36 -10.73
CA TYR D 71 -8.53 2.32 -11.64
C TYR D 71 -8.43 3.06 -12.98
N PRO D 72 -7.45 2.69 -13.86
CA PRO D 72 -6.41 1.65 -13.79
C PRO D 72 -5.12 2.41 -13.62
N ASP D 73 -4.01 1.69 -13.45
CA ASP D 73 -2.70 2.35 -13.32
C ASP D 73 -2.36 3.15 -14.56
N PHE D 74 -2.64 2.58 -15.75
CA PHE D 74 -2.36 3.24 -17.02
C PHE D 74 -3.53 3.12 -17.97
N THR D 75 -3.95 4.27 -18.49
CA THR D 75 -5.02 4.39 -19.47
C THR D 75 -4.33 4.79 -20.80
N LEU D 76 -4.48 3.95 -21.83
CA LEU D 76 -3.86 4.24 -23.12
C LEU D 76 -4.90 4.54 -24.20
N TYR D 77 -4.61 5.51 -25.05
CA TYR D 77 -5.53 5.83 -26.13
C TYR D 77 -5.00 6.77 -27.20
N LYS D 78 -5.58 6.69 -28.39
CA LYS D 78 -5.21 7.58 -29.49
C LYS D 78 -6.21 8.72 -29.38
N PRO D 79 -5.82 9.96 -29.73
CA PRO D 79 -6.81 11.04 -29.60
C PRO D 79 -7.91 11.00 -30.65
N SER D 80 -7.65 10.33 -31.76
CA SER D 80 -8.62 10.17 -32.84
C SER D 80 -9.67 9.12 -32.45
N GLU D 81 -9.23 8.08 -31.75
CA GLU D 81 -10.08 6.99 -31.30
C GLU D 81 -10.14 7.02 -29.75
N PRO D 82 -10.94 7.93 -29.19
CA PRO D 82 -10.97 7.96 -27.73
C PRO D 82 -11.81 6.92 -27.03
N ASN D 83 -12.88 6.45 -27.66
CA ASN D 83 -13.73 5.46 -27.01
C ASN D 83 -13.18 4.05 -27.18
N LYS D 84 -11.87 3.94 -27.40
CA LYS D 84 -11.20 2.66 -27.53
C LYS D 84 -9.96 2.72 -26.63
N LYS D 85 -10.20 3.00 -25.35
CA LYS D 85 -9.17 3.11 -24.34
C LYS D 85 -8.76 1.76 -23.79
N ILE D 86 -7.47 1.57 -23.58
CA ILE D 86 -6.98 0.32 -23.02
C ILE D 86 -6.61 0.59 -21.55
N ALA D 87 -6.95 -0.36 -20.68
CA ALA D 87 -6.65 -0.29 -19.25
C ALA D 87 -5.58 -1.33 -18.94
N ILE D 88 -4.52 -0.87 -18.27
CA ILE D 88 -3.44 -1.76 -17.87
C ILE D 88 -3.32 -1.48 -16.35
N ASP D 89 -3.23 -2.55 -15.57
CA ASP D 89 -3.12 -2.46 -14.13
C ASP D 89 -2.15 -3.55 -13.67
N ILE D 90 -1.21 -3.19 -12.80
CA ILE D 90 -0.20 -4.11 -12.26
C ILE D 90 -0.69 -4.81 -11.01
N LYS D 91 -0.39 -6.11 -10.92
CA LYS D 91 -0.83 -6.95 -9.81
C LYS D 91 0.39 -7.76 -9.51
N THR D 92 0.61 -7.97 -8.21
CA THR D 92 1.78 -8.67 -7.76
C THR D 92 1.38 -9.64 -6.68
N THR D 93 2.13 -10.74 -6.58
CA THR D 93 1.93 -11.74 -5.57
C THR D 93 3.23 -12.51 -5.55
N TYR D 94 3.45 -13.36 -4.55
CA TYR D 94 4.70 -14.09 -4.46
C TYR D 94 4.55 -15.61 -4.38
N THR D 95 5.66 -16.30 -4.58
CA THR D 95 5.74 -17.75 -4.48
C THR D 95 6.84 -18.04 -3.48
N ASN D 96 6.97 -19.31 -3.12
CA ASN D 96 7.99 -19.74 -2.17
C ASN D 96 8.78 -20.90 -2.77
N ILE D 102 -0.24 -20.17 -7.62
CA ILE D 102 -0.36 -18.75 -7.29
C ILE D 102 -1.74 -18.17 -7.67
N LYS D 103 -2.06 -17.03 -7.07
CA LYS D 103 -3.32 -16.33 -7.32
C LYS D 103 -3.17 -14.85 -7.01
N PHE D 104 -3.98 -14.05 -7.70
CA PHE D 104 -3.95 -12.61 -7.59
C PHE D 104 -5.28 -12.10 -7.10
N THR D 105 -5.30 -10.82 -6.78
CA THR D 105 -6.51 -10.13 -6.37
C THR D 105 -6.61 -9.24 -7.60
N LEU D 106 -7.80 -9.05 -8.16
CA LEU D 106 -7.88 -8.33 -9.41
C LEU D 106 -8.73 -7.11 -9.45
N GLY D 107 -9.03 -6.57 -8.29
CA GLY D 107 -9.84 -5.38 -8.25
C GLY D 107 -11.20 -5.63 -7.66
N GLY D 108 -11.89 -4.53 -7.41
CA GLY D 108 -13.20 -4.63 -6.81
C GLY D 108 -14.25 -5.08 -7.79
N TYR D 109 -15.28 -5.67 -7.25
CA TYR D 109 -16.39 -6.12 -8.05
C TYR D 109 -17.60 -5.29 -7.76
N THR D 110 -17.45 -4.26 -6.93
CA THR D 110 -18.58 -3.41 -6.58
C THR D 110 -18.43 -1.98 -7.06
N SER D 111 -17.28 -1.66 -7.65
CA SER D 111 -17.01 -0.31 -8.15
C SER D 111 -17.39 -0.06 -9.64
N PHE D 112 -16.41 0.26 -10.49
CA PHE D 112 -16.64 0.54 -11.92
C PHE D 112 -17.35 -0.55 -12.72
N ILE D 113 -17.33 -1.81 -12.27
CA ILE D 113 -18.01 -2.84 -13.04
C ILE D 113 -19.51 -2.85 -12.81
N ARG D 114 -19.95 -2.28 -11.68
CA ARG D 114 -21.37 -2.20 -11.36
C ARG D 114 -21.84 -0.77 -11.54
N ASN D 115 -20.92 0.18 -11.50
CA ASN D 115 -21.26 1.60 -11.66
C ASN D 115 -20.27 2.26 -12.61
N ASN D 116 -20.75 2.56 -13.82
CA ASN D 116 -19.95 3.16 -14.90
C ASN D 116 -18.87 4.22 -14.58
N THR D 117 -19.04 4.95 -13.48
CA THR D 117 -18.05 5.97 -13.18
C THR D 117 -17.46 5.99 -11.78
N LYS D 118 -17.59 4.90 -11.05
CA LYS D 118 -17.05 4.90 -9.71
C LYS D 118 -15.61 4.47 -9.69
N ASN D 119 -14.74 5.35 -9.19
CA ASN D 119 -13.30 5.05 -9.01
C ASN D 119 -12.60 4.59 -10.28
N ILE D 120 -12.91 5.23 -11.38
CA ILE D 120 -12.31 4.84 -12.64
C ILE D 120 -11.96 6.16 -13.29
N VAL D 121 -10.80 6.23 -13.93
CA VAL D 121 -10.36 7.50 -14.55
C VAL D 121 -11.33 7.99 -15.61
N TYR D 122 -11.71 7.11 -16.53
CA TYR D 122 -12.65 7.42 -17.58
C TYR D 122 -13.85 6.44 -17.43
N PRO D 123 -15.07 6.83 -17.86
CA PRO D 123 -16.25 5.94 -17.76
C PRO D 123 -15.94 4.56 -18.32
N PHE D 124 -16.28 3.51 -17.58
CA PHE D 124 -15.99 2.10 -17.93
C PHE D 124 -16.32 1.66 -19.36
N ASP D 125 -17.31 2.29 -19.97
CA ASP D 125 -17.70 1.93 -21.33
C ASP D 125 -16.74 2.42 -22.40
N GLN D 126 -15.75 3.22 -22.00
CA GLN D 126 -14.76 3.74 -22.93
C GLN D 126 -13.55 2.83 -23.10
N TYR D 127 -13.47 1.79 -22.28
CA TYR D 127 -12.36 0.85 -22.36
C TYR D 127 -12.77 -0.38 -23.11
N ILE D 128 -11.96 -0.77 -24.07
CA ILE D 128 -12.24 -1.92 -24.91
C ILE D 128 -11.38 -3.10 -24.50
N ALA D 129 -10.46 -2.83 -23.57
CA ALA D 129 -9.58 -3.90 -23.08
C ALA D 129 -9.05 -3.56 -21.68
N HIS D 130 -8.91 -4.59 -20.86
CA HIS D 130 -8.44 -4.47 -19.49
C HIS D 130 -7.39 -5.54 -19.34
N TRP D 131 -6.13 -5.12 -19.46
CA TRP D 131 -5.00 -6.01 -19.34
C TRP D 131 -4.45 -5.92 -17.92
N ILE D 132 -3.95 -7.05 -17.46
CA ILE D 132 -3.37 -7.18 -16.15
C ILE D 132 -1.93 -7.53 -16.42
N ILE D 133 -0.99 -6.80 -15.80
CA ILE D 133 0.43 -7.14 -15.93
C ILE D 133 0.73 -7.74 -14.55
N GLY D 134 0.93 -9.05 -14.50
CA GLY D 134 1.17 -9.69 -13.24
C GLY D 134 2.61 -10.07 -12.99
N TYR D 135 3.11 -9.68 -11.83
CA TYR D 135 4.47 -10.03 -11.46
C TYR D 135 4.40 -11.05 -10.37
N VAL D 136 5.26 -12.05 -10.44
CA VAL D 136 5.30 -13.06 -9.41
C VAL D 136 6.76 -13.13 -8.98
N TYR D 137 7.03 -12.96 -7.71
CA TYR D 137 8.41 -13.04 -7.27
C TYR D 137 8.51 -14.15 -6.26
N THR D 138 9.65 -14.84 -6.23
CA THR D 138 9.86 -15.90 -5.25
C THR D 138 10.51 -15.27 -4.03
N ARG D 139 9.93 -15.53 -2.86
CA ARG D 139 10.44 -15.01 -1.60
C ARG D 139 11.75 -15.71 -1.28
N VAL D 140 12.77 -14.93 -0.92
CA VAL D 140 14.08 -15.50 -0.58
C VAL D 140 13.96 -16.43 0.64
N SER D 146 18.98 -6.21 4.46
CA SER D 146 20.09 -5.45 5.04
C SER D 146 19.56 -4.18 5.69
N LEU D 147 20.15 -3.83 6.81
CA LEU D 147 19.76 -2.63 7.54
C LEU D 147 20.76 -1.52 7.35
N LYS D 148 21.68 -1.70 6.41
CA LYS D 148 22.71 -0.69 6.14
C LYS D 148 22.49 -0.01 4.80
N THR D 149 23.22 1.08 4.59
CA THR D 149 23.13 1.83 3.35
C THR D 149 24.38 1.54 2.51
N TYR D 150 24.25 1.73 1.21
CA TYR D 150 25.33 1.45 0.25
C TYR D 150 25.63 2.66 -0.59
N ASN D 151 26.70 2.54 -1.36
CA ASN D 151 27.16 3.60 -2.25
C ASN D 151 27.14 3.04 -3.68
N ILE D 152 26.99 3.92 -4.67
CA ILE D 152 26.97 3.51 -6.07
C ILE D 152 28.31 2.91 -6.40
N ASN D 153 28.41 1.58 -6.35
CA ASN D 153 29.67 0.85 -6.61
C ASN D 153 29.74 -0.39 -5.74
N GLU D 154 28.79 -0.46 -4.82
CA GLU D 154 28.65 -1.60 -3.93
C GLU D 154 27.36 -2.28 -4.41
N LEU D 155 26.89 -1.83 -5.57
CA LEU D 155 25.66 -2.31 -6.18
C LEU D 155 25.60 -3.81 -6.22
N ASN D 156 26.74 -4.45 -6.47
CA ASN D 156 26.72 -5.90 -6.53
C ASN D 156 26.83 -6.66 -5.21
N GLU D 157 26.86 -5.90 -4.10
CA GLU D 157 26.95 -6.45 -2.74
C GLU D 157 25.60 -6.36 -2.01
N ILE D 158 24.73 -5.48 -2.51
CA ILE D 158 23.39 -5.30 -1.95
C ILE D 158 22.54 -6.55 -2.19
N PRO D 159 21.98 -7.12 -1.12
CA PRO D 159 21.16 -8.32 -1.32
C PRO D 159 19.74 -8.06 -1.84
N LYS D 160 19.38 -8.76 -2.91
CA LYS D 160 18.05 -8.64 -3.51
C LYS D 160 17.04 -9.28 -2.56
N PRO D 161 15.82 -8.73 -2.48
CA PRO D 161 14.80 -9.30 -1.58
C PRO D 161 13.95 -10.39 -2.27
N TYR D 162 14.38 -10.84 -3.44
CA TYR D 162 13.66 -11.88 -4.15
C TYR D 162 14.61 -12.83 -4.86
N LYS D 163 14.28 -14.11 -4.85
CA LYS D 163 15.08 -15.16 -5.49
C LYS D 163 14.89 -15.12 -7.00
N GLY D 164 13.84 -14.42 -7.46
CA GLY D 164 13.59 -14.35 -8.89
C GLY D 164 12.28 -13.64 -9.15
N VAL D 165 11.94 -13.44 -10.44
CA VAL D 165 10.71 -12.74 -10.84
C VAL D 165 10.22 -13.19 -12.23
N LYS D 166 8.89 -13.30 -12.38
CA LYS D 166 8.24 -13.68 -13.67
C LYS D 166 7.11 -12.69 -13.93
N VAL D 167 6.91 -12.30 -15.18
CA VAL D 167 5.82 -11.36 -15.49
C VAL D 167 4.98 -11.90 -16.67
N PHE D 168 3.78 -11.35 -16.85
CA PHE D 168 2.90 -11.75 -17.96
C PHE D 168 1.88 -10.69 -18.18
N LEU D 169 1.40 -10.59 -19.41
CA LEU D 169 0.32 -9.66 -19.69
C LEU D 169 -0.86 -10.57 -20.07
N GLN D 170 -2.06 -10.23 -19.63
CA GLN D 170 -3.22 -11.04 -19.96
C GLN D 170 -4.45 -10.22 -19.70
N ASP D 171 -5.54 -10.52 -20.43
CA ASP D 171 -6.81 -9.81 -20.26
C ASP D 171 -7.37 -10.20 -18.88
N LYS D 172 -8.00 -9.25 -18.22
CA LYS D 172 -8.54 -9.50 -16.89
C LYS D 172 -9.59 -10.63 -16.90
N TRP D 173 -10.50 -10.64 -17.88
CA TRP D 173 -11.54 -11.67 -17.89
C TRP D 173 -11.04 -13.08 -18.04
N VAL D 174 -10.01 -13.25 -18.85
CA VAL D 174 -9.45 -14.57 -19.09
C VAL D 174 -8.92 -15.24 -17.83
N ILE D 175 -8.31 -14.45 -16.94
CA ILE D 175 -7.75 -14.97 -15.70
C ILE D 175 -8.57 -14.87 -14.43
N ALA D 176 -9.72 -14.21 -14.50
CA ALA D 176 -10.59 -14.09 -13.33
C ALA D 176 -11.13 -15.46 -12.91
N GLY D 177 -11.29 -15.64 -11.60
CA GLY D 177 -11.82 -16.86 -11.06
C GLY D 177 -13.25 -16.59 -10.62
N ASP D 178 -13.79 -17.51 -9.84
CA ASP D 178 -15.17 -17.39 -9.37
C ASP D 178 -15.31 -17.18 -7.86
N LEU D 179 -14.19 -17.24 -7.12
CA LEU D 179 -14.19 -17.02 -5.68
C LEU D 179 -13.57 -15.64 -5.42
N ALA D 180 -14.15 -14.89 -4.49
CA ALA D 180 -13.67 -13.54 -4.14
C ALA D 180 -12.21 -13.55 -3.70
N GLY D 181 -11.48 -12.51 -4.07
CA GLY D 181 -10.08 -12.37 -3.68
C GLY D 181 -9.88 -11.79 -2.28
N SER D 182 -10.76 -10.91 -1.84
CA SER D 182 -10.67 -10.30 -0.50
C SER D 182 -12.08 -10.13 0.09
N GLY D 183 -12.19 -10.17 1.42
CA GLY D 183 -13.46 -10.02 2.10
C GLY D 183 -14.01 -8.62 2.24
N ASN D 184 -13.47 -7.81 3.15
CA ASN D 184 -13.96 -6.45 3.36
C ASN D 184 -13.67 -5.44 2.27
N THR D 185 -12.70 -5.76 1.41
CA THR D 185 -12.30 -4.88 0.31
C THR D 185 -12.81 -5.38 -1.05
N THR D 186 -13.71 -6.36 -0.98
CA THR D 186 -14.42 -6.98 -2.10
C THR D 186 -13.74 -6.94 -3.44
N ASN D 187 -12.74 -7.78 -3.55
CA ASN D 187 -11.92 -7.89 -4.73
C ASN D 187 -12.21 -9.21 -5.40
N ILE D 188 -12.03 -9.21 -6.72
CA ILE D 188 -12.21 -10.40 -7.51
C ILE D 188 -10.94 -11.23 -7.35
N GLY D 189 -11.09 -12.53 -7.16
CA GLY D 189 -9.94 -13.39 -7.07
C GLY D 189 -9.73 -13.90 -8.49
N SER D 190 -8.51 -14.26 -8.81
CA SER D 190 -8.21 -14.77 -10.14
C SER D 190 -8.19 -16.28 -9.98
N ILE D 191 -7.93 -16.97 -11.09
CA ILE D 191 -7.84 -18.40 -11.05
C ILE D 191 -6.65 -18.72 -10.15
N HIS D 192 -6.66 -19.91 -9.58
CA HIS D 192 -5.58 -20.34 -8.72
C HIS D 192 -4.86 -21.35 -9.59
N ALA D 193 -3.98 -20.89 -10.46
CA ALA D 193 -3.29 -21.76 -11.41
C ALA D 193 -1.78 -21.60 -11.45
N HIS D 194 -1.09 -22.48 -12.18
CA HIS D 194 0.37 -22.40 -12.31
C HIS D 194 0.65 -21.24 -13.23
N TYR D 195 1.86 -20.69 -13.15
CA TYR D 195 2.26 -19.56 -13.98
C TYR D 195 1.87 -19.72 -15.47
N LYS D 196 2.08 -20.93 -15.99
CA LYS D 196 1.78 -21.28 -17.40
C LYS D 196 0.33 -20.99 -17.81
N ASP D 197 -0.59 -21.45 -16.98
CA ASP D 197 -2.02 -21.28 -17.20
C ASP D 197 -2.41 -19.82 -17.34
N PHE D 198 -1.74 -18.95 -16.62
CA PHE D 198 -2.02 -17.53 -16.70
C PHE D 198 -1.47 -17.00 -18.02
N VAL D 199 -0.27 -17.45 -18.35
CA VAL D 199 0.35 -17.01 -19.59
C VAL D 199 -0.46 -17.45 -20.80
N GLU D 200 -0.87 -18.72 -20.81
CA GLU D 200 -1.66 -19.25 -21.92
C GLU D 200 -3.09 -18.72 -21.92
N GLY D 201 -3.59 -18.38 -20.74
CA GLY D 201 -4.94 -17.84 -20.64
C GLY D 201 -6.02 -18.88 -20.44
N LYS D 202 -5.76 -19.87 -19.61
CA LYS D 202 -6.72 -20.91 -19.35
C LYS D 202 -7.60 -20.55 -18.17
N GLY D 203 -8.64 -19.76 -18.44
CA GLY D 203 -9.57 -19.37 -17.40
C GLY D 203 -10.77 -20.29 -17.24
N ILE D 204 -11.81 -19.79 -16.60
CA ILE D 204 -13.00 -20.61 -16.44
C ILE D 204 -14.24 -20.00 -17.07
N PHE D 205 -14.18 -18.70 -17.35
CA PHE D 205 -15.31 -18.03 -17.96
C PHE D 205 -15.31 -18.25 -19.49
N ASP D 206 -16.46 -18.56 -20.08
CA ASP D 206 -16.55 -18.79 -21.52
C ASP D 206 -16.40 -17.49 -22.34
N SER D 207 -16.64 -16.36 -21.70
CA SER D 207 -16.52 -15.09 -22.39
C SER D 207 -16.36 -13.98 -21.35
N GLU D 208 -16.15 -12.76 -21.83
CA GLU D 208 -15.98 -11.60 -20.98
C GLU D 208 -17.36 -11.15 -20.52
N ASP D 209 -18.36 -11.41 -21.35
CA ASP D 209 -19.74 -11.07 -21.05
C ASP D 209 -20.22 -11.92 -19.84
N GLU D 210 -19.75 -13.15 -19.74
CA GLU D 210 -20.10 -14.03 -18.64
C GLU D 210 -19.35 -13.58 -17.37
N PHE D 211 -18.07 -13.22 -17.53
CA PHE D 211 -17.24 -12.72 -16.44
C PHE D 211 -17.92 -11.49 -15.82
N LEU D 212 -18.34 -10.53 -16.66
CA LEU D 212 -18.99 -9.33 -16.16
C LEU D 212 -20.31 -9.58 -15.42
N ASP D 213 -21.19 -10.37 -16.04
CA ASP D 213 -22.47 -10.66 -15.44
C ASP D 213 -22.30 -11.31 -14.07
N TYR D 214 -21.43 -12.31 -14.01
CA TYR D 214 -21.15 -13.03 -12.80
C TYR D 214 -20.70 -12.12 -11.63
N TRP D 215 -19.72 -11.25 -11.89
CA TRP D 215 -19.20 -10.35 -10.84
C TRP D 215 -20.10 -9.14 -10.54
N ARG D 216 -21.02 -8.82 -11.46
CA ARG D 216 -21.97 -7.74 -11.21
C ARG D 216 -23.10 -8.24 -10.31
N ASN D 217 -23.22 -9.55 -10.15
CA ASN D 217 -24.31 -10.13 -9.35
C ASN D 217 -23.83 -11.02 -8.21
N TYR D 218 -22.53 -11.00 -7.95
CA TYR D 218 -21.95 -11.81 -6.89
C TYR D 218 -22.32 -11.12 -5.56
N GLU D 219 -22.78 -11.88 -4.59
CA GLU D 219 -23.16 -11.36 -3.27
C GLU D 219 -21.94 -11.19 -2.38
N ARG D 220 -21.96 -10.18 -1.54
CA ARG D 220 -20.80 -9.89 -0.69
C ARG D 220 -20.31 -10.93 0.33
N THR D 221 -21.23 -11.68 0.92
CA THR D 221 -20.87 -12.67 1.95
C THR D 221 -21.50 -14.03 1.72
N SER D 222 -20.96 -15.07 2.39
CA SER D 222 -21.46 -16.44 2.25
C SER D 222 -22.97 -16.57 2.43
N GLN D 223 -23.48 -15.89 3.45
CA GLN D 223 -24.90 -15.89 3.80
C GLN D 223 -25.79 -15.61 2.61
N LEU D 224 -25.69 -14.40 2.07
CA LEU D 224 -26.50 -14.01 0.93
C LEU D 224 -26.14 -14.76 -0.35
N ARG D 225 -24.90 -15.24 -0.43
CA ARG D 225 -24.46 -15.98 -1.59
C ARG D 225 -25.08 -17.35 -1.63
N ASN D 226 -25.32 -17.91 -0.45
CA ASN D 226 -25.86 -19.26 -0.34
C ASN D 226 -27.19 -19.49 -1.08
N ASP D 227 -27.99 -18.45 -1.18
CA ASP D 227 -29.27 -18.57 -1.87
C ASP D 227 -29.23 -18.07 -3.33
N LYS D 228 -28.02 -17.85 -3.86
CA LYS D 228 -27.84 -17.36 -5.24
C LYS D 228 -26.86 -18.30 -5.91
N TYR D 229 -25.57 -17.98 -5.81
CA TYR D 229 -24.48 -18.79 -6.35
C TYR D 229 -23.18 -18.45 -5.65
N ASN D 230 -22.37 -19.48 -5.42
CA ASN D 230 -21.08 -19.34 -4.76
C ASN D 230 -19.93 -19.71 -5.68
N ASN D 231 -20.22 -20.27 -6.86
CA ASN D 231 -19.16 -20.66 -7.79
C ASN D 231 -19.72 -20.67 -9.20
N ILE D 232 -18.94 -21.10 -10.17
CA ILE D 232 -19.37 -21.09 -11.57
C ILE D 232 -20.51 -22.09 -11.94
N SER D 233 -20.46 -23.30 -11.40
CA SER D 233 -21.50 -24.28 -11.66
C SER D 233 -22.84 -23.71 -11.20
N GLU D 234 -22.84 -23.12 -9.99
CA GLU D 234 -24.06 -22.56 -9.40
C GLU D 234 -24.63 -21.32 -10.06
N TYR D 235 -23.76 -20.48 -10.58
CA TYR D 235 -24.21 -19.30 -11.27
C TYR D 235 -24.95 -19.77 -12.54
N ARG D 236 -24.37 -20.79 -13.16
CA ARG D 236 -24.91 -21.34 -14.38
C ARG D 236 -26.27 -22.01 -14.12
N ASN D 237 -26.39 -22.58 -12.92
CA ASN D 237 -27.63 -23.20 -12.53
C ASN D 237 -28.65 -22.12 -12.14
N TRP D 238 -28.14 -20.94 -11.79
CA TRP D 238 -28.94 -19.76 -11.41
C TRP D 238 -29.50 -19.07 -12.67
N ILE D 239 -28.75 -19.16 -13.77
CA ILE D 239 -29.19 -18.59 -15.04
C ILE D 239 -30.35 -19.47 -15.58
N TYR D 240 -30.17 -20.78 -15.52
CA TYR D 240 -31.21 -21.72 -15.96
C TYR D 240 -32.54 -21.47 -15.24
N ARG D 241 -32.46 -21.29 -13.91
CA ARG D 241 -33.61 -21.06 -13.05
C ARG D 241 -34.26 -19.73 -13.32
N GLY D 242 -33.61 -18.89 -14.11
CA GLY D 242 -34.17 -17.58 -14.43
C GLY D 242 -33.67 -16.43 -13.58
N ARG D 243 -32.43 -16.52 -13.10
CA ARG D 243 -31.84 -15.46 -12.28
C ARG D 243 -32.68 -15.17 -11.03
#